data_4W7W
#
_entry.id   4W7W
#
_cell.length_a   79.874
_cell.length_b   82.018
_cell.length_c   48.253
_cell.angle_alpha   90.000
_cell.angle_beta   90.000
_cell.angle_gamma   90.000
#
_symmetry.space_group_name_H-M   'P 21 21 2'
#
loop_
_entity.id
_entity.type
_entity.pdbx_description
1 polymer Cellulase
2 branched beta-D-glucopyranose-(1-4)-beta-D-glucopyranose
3 branched beta-D-glucopyranose-(1-4)-beta-D-glucopyranose-(1-4)-alpha-D-glucopyranose
4 water water
#
_entity_poly.entity_id   1
_entity_poly.type   'polypeptide(L)'
_entity_poly.pdbx_seq_one_letter_code
;MGSSHHHHHHSSGLVPRGSHMLKYVGVNLSGAEFNSRKKPGTLFKDYTYPAASDFSYFAGKGMNTIRLPFLWERVQPELN
GPLDQAQLGLIKKSLEAAKANKQYLILDLHNYATYSGKRIGTSDVPAGALADLWRRLALEFKDDKAVIFGLMNEPNGISA
PDWANAAQGTITAIRKTGAKNLILVPGTAYTGAHSWRSTSYGVSNAKALEILKDPGNNLAFEAHQYLDKDYSGTKPVCTS
DSVGQEKLQGFTSWLRENKQKGFLGEFATANNPVCDKALEGMLTYMEKNSDVWLGWTWWAAGAWWKPDYPFTVQPGKDGS
DKPQMAILSKYA
;
_entity_poly.pdbx_strand_id   A
#
# COMPACT_ATOMS: atom_id res chain seq x y z
N HIS A 20 -11.62 -5.17 15.34
CA HIS A 20 -10.55 -5.83 14.55
C HIS A 20 -9.46 -6.44 15.44
N MET A 21 -9.13 -7.71 15.21
CA MET A 21 -8.01 -8.32 15.91
C MET A 21 -6.67 -7.83 15.39
N LEU A 22 -6.65 -7.33 14.16
CA LEU A 22 -5.46 -6.73 13.60
C LEU A 22 -5.37 -5.25 13.96
N LYS A 23 -4.15 -4.74 14.03
CA LYS A 23 -3.95 -3.36 14.43
C LYS A 23 -4.52 -2.34 13.45
N TYR A 24 -4.34 -2.60 12.16
CA TYR A 24 -4.73 -1.66 11.11
C TYR A 24 -5.65 -2.37 10.13
N VAL A 25 -6.85 -1.85 9.94
CA VAL A 25 -7.75 -2.37 8.92
C VAL A 25 -8.39 -1.19 8.20
N GLY A 26 -8.48 -1.29 6.90
CA GLY A 26 -9.11 -0.22 6.14
C GLY A 26 -9.07 -0.39 4.66
N VAL A 27 -9.02 0.75 3.98
CA VAL A 27 -9.16 0.79 2.54
C VAL A 27 -8.17 1.77 1.91
N ASN A 28 -7.90 1.53 0.64
CA ASN A 28 -7.25 2.51 -0.23
C ASN A 28 -8.29 3.53 -0.69
N LEU A 29 -8.00 4.82 -0.54
CA LEU A 29 -8.81 5.87 -1.16
C LEU A 29 -8.04 6.31 -2.39
N SER A 30 -8.42 5.72 -3.52
CA SER A 30 -7.77 5.91 -4.81
CA SER A 30 -7.75 5.94 -4.78
C SER A 30 -8.32 7.14 -5.53
N GLY A 31 -7.43 7.82 -6.26
CA GLY A 31 -7.83 8.94 -7.08
C GLY A 31 -6.72 9.93 -7.34
N ALA A 32 -5.79 10.08 -6.40
CA ALA A 32 -4.76 11.10 -6.55
C ALA A 32 -3.66 10.62 -7.50
N GLU A 33 -3.63 9.31 -7.74
CA GLU A 33 -2.68 8.66 -8.61
C GLU A 33 -3.21 8.43 -10.02
N PHE A 34 -4.45 8.86 -10.28
CA PHE A 34 -5.08 8.64 -11.57
C PHE A 34 -4.40 9.43 -12.68
N ASN A 35 -4.59 8.93 -13.91
CA ASN A 35 -4.11 9.58 -15.12
C ASN A 35 -2.65 9.97 -14.94
N SER A 36 -1.85 8.96 -14.61
CA SER A 36 -0.48 9.21 -14.20
C SER A 36 0.45 9.69 -15.32
N ARG A 37 0.04 9.56 -16.58
CA ARG A 37 0.80 10.17 -17.70
C ARG A 37 0.87 11.69 -17.61
N LYS A 38 -0.11 12.28 -16.92
CA LYS A 38 -0.26 13.71 -16.92
C LYS A 38 0.53 14.31 -15.76
N LYS A 39 1.54 15.14 -16.09
CA LYS A 39 2.40 15.82 -15.13
C LYS A 39 2.46 17.29 -15.49
N PRO A 40 2.00 18.19 -14.60
CA PRO A 40 1.55 17.87 -13.24
C PRO A 40 0.18 17.23 -13.18
N GLY A 41 -0.60 17.40 -14.23
CA GLY A 41 -2.02 17.12 -14.16
C GLY A 41 -2.70 18.23 -13.39
N THR A 42 -4.02 18.28 -13.52
CA THR A 42 -4.81 19.32 -12.87
C THR A 42 -5.80 18.70 -11.90
N LEU A 43 -5.79 19.19 -10.67
CA LEU A 43 -6.70 18.75 -9.64
C LEU A 43 -8.14 18.89 -10.13
N PHE A 44 -8.95 17.86 -9.85
CA PHE A 44 -10.37 17.75 -10.24
C PHE A 44 -10.61 17.35 -11.68
N LYS A 45 -9.57 17.43 -12.51
CA LYS A 45 -9.68 17.07 -13.93
C LYS A 45 -8.98 15.73 -14.15
N ASP A 46 -7.71 15.66 -13.77
CA ASP A 46 -6.93 14.44 -13.97
C ASP A 46 -6.83 13.55 -12.74
N TYR A 47 -7.00 14.13 -11.56
CA TYR A 47 -6.89 13.37 -10.33
C TYR A 47 -7.64 14.13 -9.26
N THR A 48 -7.90 13.46 -8.15
CA THR A 48 -8.60 14.07 -7.04
C THR A 48 -8.09 13.48 -5.75
N TYR A 49 -8.18 14.26 -4.68
CA TYR A 49 -8.00 13.74 -3.34
C TYR A 49 -9.36 13.33 -2.77
N PRO A 50 -9.36 12.56 -1.70
CA PRO A 50 -10.65 12.06 -1.21
C PRO A 50 -11.48 13.16 -0.58
N ALA A 51 -12.78 12.94 -0.53
CA ALA A 51 -13.66 13.83 0.22
C ALA A 51 -13.50 13.51 1.69
N ALA A 52 -13.70 14.52 2.55
CA ALA A 52 -13.66 14.27 3.97
C ALA A 52 -14.68 13.21 4.38
N SER A 53 -15.85 13.21 3.73
CA SER A 53 -16.87 12.23 4.03
C SER A 53 -16.44 10.79 3.75
N ASP A 54 -15.46 10.60 2.87
CA ASP A 54 -14.95 9.25 2.63
C ASP A 54 -14.33 8.72 3.94
N PHE A 55 -13.53 9.56 4.59
CA PHE A 55 -12.88 9.16 5.83
C PHE A 55 -13.92 8.80 6.89
N SER A 56 -14.94 9.64 7.05
CA SER A 56 -15.94 9.37 8.08
C SER A 56 -16.78 8.13 7.75
N TYR A 57 -17.10 7.91 6.48
CA TYR A 57 -17.83 6.72 6.08
C TYR A 57 -17.06 5.47 6.48
N PHE A 58 -15.79 5.40 6.13
CA PHE A 58 -15.03 4.19 6.45
C PHE A 58 -14.79 4.04 7.94
N ALA A 59 -14.58 5.15 8.64
CA ALA A 59 -14.49 5.08 10.10
C ALA A 59 -15.75 4.50 10.70
N GLY A 60 -16.90 4.87 10.16
CA GLY A 60 -18.19 4.35 10.64
C GLY A 60 -18.38 2.87 10.41
N LYS A 61 -17.62 2.30 9.48
CA LYS A 61 -17.59 0.86 9.26
C LYS A 61 -16.53 0.15 10.06
N GLY A 62 -15.83 0.88 10.93
CA GLY A 62 -14.83 0.27 11.81
C GLY A 62 -13.42 0.34 11.30
N MET A 63 -13.20 1.04 10.20
N MET A 63 -13.22 0.99 10.15
CA MET A 63 -11.89 1.04 9.63
CA MET A 63 -11.90 1.05 9.51
C MET A 63 -11.06 2.18 10.13
C MET A 63 -11.07 2.17 10.12
N ASN A 64 -9.90 1.83 10.67
CA ASN A 64 -9.02 2.79 11.30
C ASN A 64 -7.83 3.17 10.45
N THR A 65 -7.77 2.73 9.19
CA THR A 65 -6.59 2.96 8.36
C THR A 65 -7.01 3.29 6.94
N ILE A 66 -6.40 4.34 6.40
CA ILE A 66 -6.59 4.72 5.01
C ILE A 66 -5.23 4.70 4.31
N ARG A 67 -5.15 3.95 3.21
CA ARG A 67 -3.98 4.03 2.34
C ARG A 67 -4.29 5.06 1.25
N LEU A 68 -3.39 6.01 1.08
CA LEU A 68 -3.57 7.15 0.19
C LEU A 68 -2.51 7.14 -0.91
N PRO A 69 -2.86 6.58 -2.07
CA PRO A 69 -1.96 6.68 -3.23
C PRO A 69 -1.81 8.13 -3.68
N PHE A 70 -0.58 8.49 -4.02
CA PHE A 70 -0.31 9.75 -4.71
C PHE A 70 0.96 9.56 -5.53
N LEU A 71 1.20 10.48 -6.45
CA LEU A 71 2.33 10.33 -7.36
C LEU A 71 3.56 11.10 -6.95
N TRP A 72 4.69 10.41 -7.05
CA TRP A 72 6.00 11.03 -6.85
C TRP A 72 6.15 12.28 -7.71
N GLU A 73 5.74 12.20 -8.96
CA GLU A 73 5.90 13.31 -9.89
C GLU A 73 5.06 14.52 -9.53
N ARG A 74 3.95 14.30 -8.82
CA ARG A 74 3.08 15.39 -8.41
C ARG A 74 3.52 16.01 -7.11
N VAL A 75 4.11 15.23 -6.19
CA VAL A 75 4.59 15.82 -4.95
C VAL A 75 6.00 16.38 -5.07
N GLN A 76 6.78 15.90 -6.04
CA GLN A 76 8.17 16.33 -6.22
C GLN A 76 8.44 16.44 -7.71
N PRO A 77 8.12 17.61 -8.31
CA PRO A 77 8.14 17.72 -9.76
C PRO A 77 9.51 17.70 -10.42
N GLU A 78 10.58 17.82 -9.63
CA GLU A 78 11.94 17.61 -10.12
C GLU A 78 12.65 16.70 -9.14
N LEU A 79 13.34 15.70 -9.67
CA LEU A 79 14.11 14.81 -8.80
C LEU A 79 15.08 15.63 -7.97
N ASN A 80 15.19 15.24 -6.70
CA ASN A 80 16.05 15.90 -5.74
C ASN A 80 15.65 17.33 -5.40
N GLY A 81 14.48 17.76 -5.86
CA GLY A 81 14.05 19.14 -5.66
C GLY A 81 13.01 19.30 -4.58
N PRO A 82 12.57 20.54 -4.37
CA PRO A 82 11.61 20.82 -3.33
C PRO A 82 10.27 20.13 -3.57
N LEU A 83 9.57 19.87 -2.48
CA LEU A 83 8.21 19.34 -2.59
C LEU A 83 7.28 20.42 -3.13
N ASP A 84 6.29 20.00 -3.91
CA ASP A 84 5.27 20.89 -4.41
C ASP A 84 4.33 21.23 -3.24
N GLN A 85 4.20 22.51 -2.94
CA GLN A 85 3.45 22.90 -1.75
C GLN A 85 1.96 22.65 -1.88
N ALA A 86 1.41 22.82 -3.07
CA ALA A 86 -0.02 22.53 -3.26
C ALA A 86 -0.29 21.05 -3.05
N GLN A 87 0.58 20.18 -3.57
CA GLN A 87 0.37 18.76 -3.39
C GLN A 87 0.52 18.35 -1.93
N LEU A 88 1.55 18.90 -1.28
CA LEU A 88 1.75 18.64 0.13
C LEU A 88 0.52 19.10 0.93
N GLY A 89 -0.04 20.24 0.54
CA GLY A 89 -1.23 20.73 1.22
C GLY A 89 -2.41 19.79 1.10
N LEU A 90 -2.57 19.18 -0.07
CA LEU A 90 -3.64 18.21 -0.27
C LEU A 90 -3.44 17.01 0.63
N ILE A 91 -2.20 16.52 0.73
CA ILE A 91 -1.90 15.39 1.60
C ILE A 91 -2.21 15.77 3.05
N LYS A 92 -1.76 16.96 3.46
CA LYS A 92 -2.00 17.40 4.84
C LYS A 92 -3.48 17.58 5.14
N LYS A 93 -4.27 17.98 4.16
CA LYS A 93 -5.71 18.08 4.33
C LYS A 93 -6.33 16.69 4.53
N SER A 94 -5.89 15.70 3.77
CA SER A 94 -6.33 14.32 4.01
C SER A 94 -5.93 13.85 5.41
N LEU A 95 -4.72 14.21 5.85
CA LEU A 95 -4.28 13.83 7.18
C LEU A 95 -5.18 14.44 8.26
N GLU A 96 -5.60 15.69 8.09
CA GLU A 96 -6.52 16.27 9.06
C GLU A 96 -7.78 15.44 9.16
N ALA A 97 -8.31 15.00 8.03
CA ALA A 97 -9.54 14.21 8.03
C ALA A 97 -9.31 12.86 8.71
N ALA A 98 -8.20 12.21 8.38
CA ALA A 98 -7.87 10.93 9.01
C ALA A 98 -7.79 11.10 10.53
N LYS A 99 -7.04 12.11 10.98
CA LYS A 99 -6.88 12.32 12.40
C LYS A 99 -8.20 12.59 13.11
N ALA A 100 -9.07 13.38 12.48
CA ALA A 100 -10.35 13.71 13.07
C ALA A 100 -11.23 12.49 13.23
N ASN A 101 -11.01 11.49 12.37
CA ASN A 101 -11.75 10.24 12.40
C ASN A 101 -10.98 9.10 13.05
N LYS A 102 -9.92 9.45 13.78
CA LYS A 102 -9.13 8.48 14.53
C LYS A 102 -8.55 7.38 13.64
N GLN A 103 -8.12 7.78 12.45
CA GLN A 103 -7.51 6.87 11.49
C GLN A 103 -6.03 7.17 11.29
N TYR A 104 -5.31 6.11 10.94
CA TYR A 104 -3.96 6.19 10.43
C TYR A 104 -4.00 6.45 8.93
N LEU A 105 -2.98 7.14 8.42
CA LEU A 105 -2.87 7.47 7.02
C LEU A 105 -1.56 6.93 6.49
N ILE A 106 -1.66 5.97 5.56
CA ILE A 106 -0.49 5.47 4.85
C ILE A 106 -0.25 6.35 3.63
N LEU A 107 0.91 6.99 3.59
CA LEU A 107 1.34 7.75 2.42
C LEU A 107 1.92 6.76 1.44
N ASP A 108 1.17 6.45 0.38
CA ASP A 108 1.59 5.46 -0.63
C ASP A 108 2.14 6.18 -1.84
N LEU A 109 3.47 6.18 -1.96
CA LEU A 109 4.14 6.71 -3.14
C LEU A 109 3.88 5.71 -4.29
N HIS A 110 2.89 6.01 -5.12
CA HIS A 110 2.26 4.97 -5.92
C HIS A 110 2.91 4.87 -7.29
N ASN A 111 4.18 4.42 -7.29
CA ASN A 111 5.05 4.68 -8.44
C ASN A 111 5.72 3.50 -9.12
N TYR A 112 5.56 2.26 -8.63
CA TYR A 112 6.06 1.10 -9.38
C TYR A 112 7.56 1.15 -9.63
N ALA A 113 8.28 1.79 -8.73
CA ALA A 113 9.72 2.01 -8.85
C ALA A 113 10.11 2.78 -10.11
N THR A 114 9.26 3.71 -10.50
CA THR A 114 9.53 4.59 -11.65
C THR A 114 9.28 6.05 -11.31
N TYR A 115 9.97 6.93 -12.05
CA TYR A 115 9.68 8.36 -12.03
C TYR A 115 9.65 8.80 -13.50
N SER A 116 8.52 9.39 -13.88
CA SER A 116 8.23 9.76 -15.27
C SER A 116 8.59 8.63 -16.22
N GLY A 117 8.17 7.43 -15.83
CA GLY A 117 8.29 6.27 -16.68
C GLY A 117 9.64 5.60 -16.74
N LYS A 118 10.63 6.11 -15.99
CA LYS A 118 11.99 5.55 -15.99
C LYS A 118 12.23 4.85 -14.66
N ARG A 119 12.88 3.70 -14.71
CA ARG A 119 13.03 2.85 -13.54
C ARG A 119 14.13 3.34 -12.60
N ILE A 120 13.86 3.24 -11.31
CA ILE A 120 14.91 3.41 -10.31
C ILE A 120 16.08 2.47 -10.62
N GLY A 121 17.29 3.01 -10.51
CA GLY A 121 18.51 2.27 -10.79
C GLY A 121 19.08 2.56 -12.16
N THR A 122 18.30 3.21 -13.01
CA THR A 122 18.83 3.73 -14.27
C THR A 122 19.61 4.99 -13.98
N SER A 123 20.37 5.46 -14.96
CA SER A 123 21.03 6.76 -14.83
C SER A 123 20.02 7.88 -14.60
N ASP A 124 18.83 7.74 -15.21
CA ASP A 124 17.77 8.74 -15.13
C ASP A 124 17.23 8.90 -13.70
N VAL A 125 17.14 7.78 -12.97
CA VAL A 125 16.53 7.77 -11.64
C VAL A 125 17.38 6.94 -10.68
N PRO A 126 18.45 7.55 -10.13
CA PRO A 126 19.26 6.83 -9.15
C PRO A 126 18.48 6.51 -7.87
N ALA A 127 18.85 5.42 -7.19
CA ALA A 127 18.20 5.06 -5.93
C ALA A 127 18.21 6.21 -4.92
N GLY A 128 19.26 7.02 -4.96
CA GLY A 128 19.32 8.14 -4.03
C GLY A 128 18.18 9.12 -4.20
N ALA A 129 17.61 9.21 -5.41
CA ALA A 129 16.52 10.16 -5.62
C ALA A 129 15.31 9.76 -4.76
N LEU A 130 15.05 8.45 -4.64
CA LEU A 130 13.95 8.00 -3.79
C LEU A 130 14.21 8.31 -2.33
N ALA A 131 15.48 8.18 -1.91
CA ALA A 131 15.84 8.51 -0.53
C ALA A 131 15.62 10.00 -0.27
N ASP A 132 15.90 10.86 -1.24
CA ASP A 132 15.67 12.29 -1.08
C ASP A 132 14.18 12.60 -0.92
N LEU A 133 13.35 11.97 -1.74
CA LEU A 133 11.92 12.12 -1.63
C LEU A 133 11.47 11.79 -0.20
N TRP A 134 11.90 10.62 0.30
CA TRP A 134 11.44 10.20 1.60
C TRP A 134 12.06 10.97 2.75
N ARG A 135 13.29 11.46 2.60
CA ARG A 135 13.84 12.42 3.55
C ARG A 135 12.90 13.61 3.72
N ARG A 136 12.48 14.15 2.59
CA ARG A 136 11.64 15.35 2.60
C ARG A 136 10.27 15.05 3.21
N LEU A 137 9.64 13.94 2.84
CA LEU A 137 8.36 13.60 3.44
C LEU A 137 8.50 13.31 4.92
N ALA A 138 9.58 12.64 5.31
CA ALA A 138 9.80 12.36 6.73
C ALA A 138 9.96 13.66 7.53
N LEU A 139 10.65 14.65 6.97
CA LEU A 139 10.77 15.93 7.65
C LEU A 139 9.42 16.58 7.86
N GLU A 140 8.51 16.40 6.91
CA GLU A 140 7.17 16.98 7.03
C GLU A 140 6.30 16.28 8.08
N PHE A 141 6.43 14.96 8.19
CA PHE A 141 5.47 14.14 8.92
C PHE A 141 6.06 13.43 10.13
N LYS A 142 7.31 13.71 10.47
CA LYS A 142 7.96 13.00 11.57
C LYS A 142 7.22 13.15 12.89
N ASP A 143 6.59 14.30 13.11
CA ASP A 143 5.84 14.51 14.34
C ASP A 143 4.35 14.19 14.26
N ASP A 144 3.95 13.41 13.24
CA ASP A 144 2.58 12.96 13.06
C ASP A 144 2.47 11.41 13.31
N LYS A 145 2.01 11.01 14.51
CA LYS A 145 1.87 9.59 14.88
C LYS A 145 0.86 8.80 14.01
N ALA A 146 -0.03 9.54 13.40
CA ALA A 146 -1.00 8.92 12.51
C ALA A 146 -0.40 8.51 11.15
N VAL A 147 0.77 9.03 10.81
CA VAL A 147 1.30 8.83 9.47
C VAL A 147 2.22 7.61 9.38
N ILE A 148 1.96 6.80 8.35
CA ILE A 148 2.74 5.61 8.03
C ILE A 148 3.36 5.85 6.65
N PHE A 149 4.63 5.46 6.49
CA PHE A 149 5.34 5.73 5.23
C PHE A 149 5.33 4.48 4.34
N GLY A 150 4.54 4.53 3.26
CA GLY A 150 4.50 3.44 2.28
C GLY A 150 5.49 3.69 1.18
N LEU A 151 6.70 3.17 1.34
CA LEU A 151 7.83 3.57 0.51
C LEU A 151 7.60 3.55 -1.00
N MET A 152 6.95 2.50 -1.52
CA MET A 152 6.80 2.42 -2.95
C MET A 152 5.76 1.40 -3.33
N ASN A 153 4.78 1.79 -4.12
CA ASN A 153 3.80 0.83 -4.60
C ASN A 153 4.43 -0.10 -5.62
N GLU A 154 4.38 -1.41 -5.37
CA GLU A 154 4.69 -2.46 -6.37
C GLU A 154 5.93 -2.19 -7.22
N PRO A 155 7.11 -2.10 -6.59
CA PRO A 155 8.32 -2.17 -7.39
C PRO A 155 8.31 -3.41 -8.29
N ASN A 156 8.84 -3.27 -9.49
CA ASN A 156 8.98 -4.39 -10.42
C ASN A 156 10.03 -3.94 -11.43
N GLY A 157 10.55 -4.86 -12.24
CA GLY A 157 11.51 -4.45 -13.26
C GLY A 157 12.87 -4.07 -12.68
N ILE A 158 13.16 -4.60 -11.51
CA ILE A 158 14.38 -4.33 -10.74
C ILE A 158 14.63 -5.60 -9.94
N SER A 159 15.87 -6.04 -9.82
CA SER A 159 16.14 -7.26 -9.09
CA SER A 159 16.13 -7.28 -9.09
C SER A 159 15.82 -7.09 -7.61
N ALA A 160 15.63 -8.22 -6.94
CA ALA A 160 15.36 -8.16 -5.52
C ALA A 160 16.52 -7.54 -4.72
N PRO A 161 17.78 -7.88 -5.00
CA PRO A 161 18.87 -7.21 -4.27
C PRO A 161 19.01 -5.72 -4.59
N ASP A 162 18.78 -5.33 -5.85
CA ASP A 162 18.89 -3.92 -6.19
C ASP A 162 17.75 -3.14 -5.54
N TRP A 163 16.55 -3.69 -5.53
CA TRP A 163 15.46 -3.03 -4.83
C TRP A 163 15.74 -2.96 -3.33
N ALA A 164 16.27 -4.03 -2.75
CA ALA A 164 16.58 -4.01 -1.33
C ALA A 164 17.58 -2.91 -0.98
N ASN A 165 18.57 -2.70 -1.84
CA ASN A 165 19.52 -1.60 -1.63
C ASN A 165 18.80 -0.25 -1.67
N ALA A 166 17.92 -0.06 -2.64
CA ALA A 166 17.16 1.18 -2.74
C ALA A 166 16.30 1.37 -1.50
N ALA A 167 15.65 0.30 -1.04
CA ALA A 167 14.83 0.36 0.15
C ALA A 167 15.68 0.68 1.39
N GLN A 168 16.83 0.06 1.51
CA GLN A 168 17.72 0.36 2.63
C GLN A 168 18.08 1.84 2.66
N GLY A 169 18.46 2.38 1.51
CA GLY A 169 18.83 3.78 1.45
C GLY A 169 17.67 4.67 1.88
N THR A 170 16.47 4.28 1.52
N THR A 170 16.44 4.30 1.51
CA THR A 170 15.30 5.05 1.87
CA THR A 170 15.27 5.09 1.89
C THR A 170 14.99 4.98 3.37
C THR A 170 14.97 4.98 3.39
N ILE A 171 15.04 3.78 3.94
CA ILE A 171 14.86 3.59 5.39
C ILE A 171 15.87 4.45 6.15
N THR A 172 17.12 4.38 5.73
CA THR A 172 18.18 5.13 6.38
C THR A 172 17.88 6.62 6.32
N ALA A 173 17.50 7.10 5.14
CA ALA A 173 17.19 8.52 4.96
C ALA A 173 16.07 8.96 5.89
N ILE A 174 15.03 8.16 6.01
CA ILE A 174 13.93 8.49 6.88
C ILE A 174 14.41 8.55 8.32
N ARG A 175 15.17 7.55 8.77
CA ARG A 175 15.57 7.54 10.17
C ARG A 175 16.55 8.65 10.53
N LYS A 176 17.37 9.08 9.58
CA LYS A 176 18.28 10.19 9.81
C LYS A 176 17.54 11.47 10.20
N THR A 177 16.28 11.62 9.80
CA THR A 177 15.51 12.82 10.15
C THR A 177 15.03 12.80 11.58
N GLY A 178 15.14 11.65 12.26
CA GLY A 178 14.55 11.47 13.59
C GLY A 178 13.16 10.85 13.56
N ALA A 179 12.58 10.69 12.36
CA ALA A 179 11.24 10.12 12.26
C ALA A 179 11.21 8.70 12.80
N LYS A 180 10.20 8.43 13.63
CA LYS A 180 10.01 7.12 14.24
C LYS A 180 8.82 6.38 13.64
N ASN A 181 8.22 6.94 12.60
CA ASN A 181 6.99 6.42 12.03
C ASN A 181 7.19 5.02 11.48
N LEU A 182 6.11 4.24 11.43
CA LEU A 182 6.11 2.94 10.79
C LEU A 182 6.44 3.11 9.31
N ILE A 183 7.36 2.30 8.82
CA ILE A 183 7.72 2.23 7.41
C ILE A 183 7.22 0.90 6.87
N LEU A 184 6.47 0.96 5.77
CA LEU A 184 6.04 -0.23 5.03
C LEU A 184 6.98 -0.41 3.84
N VAL A 185 7.68 -1.55 3.83
N VAL A 185 7.72 -1.51 3.84
CA VAL A 185 8.72 -1.87 2.86
CA VAL A 185 8.71 -1.74 2.79
C VAL A 185 8.21 -2.96 1.93
C VAL A 185 8.26 -2.92 1.94
N PRO A 186 8.17 -2.70 0.62
CA PRO A 186 7.79 -3.74 -0.32
C PRO A 186 9.00 -4.49 -0.84
N GLY A 187 8.73 -5.59 -1.54
CA GLY A 187 9.70 -6.23 -2.41
C GLY A 187 9.50 -5.83 -3.85
N THR A 188 10.31 -6.44 -4.72
CA THR A 188 10.09 -6.31 -6.15
C THR A 188 9.00 -7.31 -6.60
N ALA A 189 8.88 -7.57 -7.90
CA ALA A 189 7.86 -8.52 -8.39
C ALA A 189 6.46 -8.11 -7.94
N TYR A 190 6.19 -6.79 -7.98
CA TYR A 190 4.88 -6.24 -7.61
C TYR A 190 4.54 -6.55 -6.16
N THR A 191 5.57 -6.81 -5.36
CA THR A 191 5.48 -7.20 -3.96
C THR A 191 4.38 -8.23 -3.68
N GLY A 192 4.24 -9.19 -4.58
CA GLY A 192 3.22 -10.21 -4.39
C GLY A 192 3.53 -11.11 -3.21
N ALA A 193 2.54 -11.40 -2.37
CA ALA A 193 2.78 -12.34 -1.28
C ALA A 193 3.12 -13.71 -1.85
N HIS A 194 2.37 -14.12 -2.86
CA HIS A 194 2.50 -15.44 -3.45
C HIS A 194 3.89 -15.78 -3.94
N SER A 195 4.62 -14.79 -4.46
CA SER A 195 5.90 -15.01 -5.11
C SER A 195 7.07 -14.60 -4.23
N TRP A 196 6.82 -14.32 -2.95
CA TRP A 196 7.82 -13.77 -2.06
C TRP A 196 9.09 -14.61 -2.01
N ARG A 197 8.92 -15.94 -2.07
CA ARG A 197 10.01 -16.87 -1.87
C ARG A 197 10.52 -17.47 -3.18
N SER A 198 10.03 -16.98 -4.31
CA SER A 198 10.38 -17.59 -5.60
C SER A 198 11.81 -17.30 -6.00
N THR A 199 12.53 -18.35 -6.40
CA THR A 199 13.89 -18.21 -6.89
C THR A 199 14.01 -18.58 -8.35
N SER A 200 12.89 -18.74 -9.06
CA SER A 200 12.93 -19.16 -10.45
CA SER A 200 12.91 -19.17 -10.45
C SER A 200 13.87 -18.31 -11.29
N TYR A 201 13.73 -16.99 -11.14
CA TYR A 201 14.44 -16.04 -11.96
C TYR A 201 15.67 -15.44 -11.29
N GLY A 202 16.09 -15.96 -10.14
CA GLY A 202 17.20 -15.42 -9.38
C GLY A 202 16.90 -15.28 -7.91
N VAL A 203 17.30 -14.15 -7.33
CA VAL A 203 17.17 -13.97 -5.88
C VAL A 203 15.73 -13.61 -5.51
N SER A 204 15.19 -14.27 -4.49
CA SER A 204 13.84 -13.98 -4.02
C SER A 204 13.78 -12.71 -3.18
N ASN A 205 12.58 -12.15 -3.07
CA ASN A 205 12.36 -11.09 -2.09
C ASN A 205 12.70 -11.54 -0.69
N ALA A 206 12.33 -12.76 -0.35
CA ALA A 206 12.62 -13.32 0.97
C ALA A 206 14.10 -13.22 1.30
N LYS A 207 14.95 -13.68 0.39
CA LYS A 207 16.37 -13.67 0.65
C LYS A 207 16.92 -12.25 0.61
N ALA A 208 16.53 -11.47 -0.38
CA ALA A 208 17.13 -10.15 -0.53
C ALA A 208 16.81 -9.25 0.65
N LEU A 209 15.60 -9.34 1.20
CA LEU A 209 15.15 -8.39 2.20
C LEU A 209 15.57 -8.78 3.60
N GLU A 210 16.11 -9.97 3.78
CA GLU A 210 16.74 -10.32 5.06
C GLU A 210 17.90 -9.39 5.43
N ILE A 211 18.47 -8.71 4.45
CA ILE A 211 19.62 -7.84 4.68
C ILE A 211 19.20 -6.53 5.36
N LEU A 212 17.92 -6.17 5.29
CA LEU A 212 17.55 -4.83 5.71
C LEU A 212 17.70 -4.61 7.20
N LYS A 213 18.12 -3.39 7.53
CA LYS A 213 18.23 -2.94 8.91
C LYS A 213 17.50 -1.62 9.05
N ASP A 214 16.65 -1.55 10.07
CA ASP A 214 15.99 -0.30 10.41
C ASP A 214 16.48 0.11 11.80
N PRO A 215 17.31 1.16 11.87
CA PRO A 215 17.80 1.55 13.19
C PRO A 215 16.70 2.07 14.13
N GLY A 216 15.54 2.42 13.57
CA GLY A 216 14.39 2.81 14.37
C GLY A 216 13.48 1.66 14.79
N ASN A 217 13.80 0.43 14.32
CA ASN A 217 13.03 -0.77 14.68
CA ASN A 217 13.03 -0.78 14.63
C ASN A 217 11.53 -0.56 14.58
N ASN A 218 11.07 -0.05 13.45
CA ASN A 218 9.64 0.13 13.23
C ASN A 218 9.30 -0.01 11.75
N LEU A 219 9.44 -1.25 11.30
CA LEU A 219 9.29 -1.63 9.91
C LEU A 219 8.24 -2.73 9.81
N ALA A 220 7.55 -2.77 8.67
CA ALA A 220 6.76 -3.94 8.29
C ALA A 220 6.91 -4.14 6.80
N PHE A 221 6.75 -5.39 6.36
CA PHE A 221 6.88 -5.72 4.96
C PHE A 221 5.49 -5.71 4.33
N GLU A 222 5.37 -4.91 3.28
CA GLU A 222 4.13 -4.76 2.54
C GLU A 222 4.09 -5.76 1.40
N ALA A 223 3.04 -6.59 1.40
CA ALA A 223 2.76 -7.49 0.30
C ALA A 223 1.38 -7.17 -0.25
N HIS A 224 1.17 -7.53 -1.53
CA HIS A 224 -0.14 -7.41 -2.17
C HIS A 224 -0.57 -8.78 -2.61
N GLN A 225 -1.87 -9.04 -2.66
CA GLN A 225 -2.34 -10.35 -3.11
C GLN A 225 -3.71 -10.24 -3.75
N TYR A 226 -3.73 -10.61 -5.03
CA TYR A 226 -4.96 -10.75 -5.81
C TYR A 226 -5.15 -12.23 -6.17
N LEU A 227 -6.37 -12.60 -6.53
CA LEU A 227 -6.75 -14.01 -6.55
C LEU A 227 -7.13 -14.53 -7.93
N ASP A 228 -6.96 -13.73 -8.97
CA ASP A 228 -7.10 -14.21 -10.34
C ASP A 228 -5.85 -15.01 -10.79
N LYS A 229 -5.89 -15.56 -12.01
CA LYS A 229 -4.91 -16.59 -12.42
C LYS A 229 -3.47 -16.13 -12.31
N ASP A 230 -3.21 -14.87 -12.62
CA ASP A 230 -1.86 -14.33 -12.54
C ASP A 230 -1.66 -13.32 -11.42
N TYR A 231 -2.62 -13.27 -10.50
CA TYR A 231 -2.48 -12.46 -9.28
C TYR A 231 -2.33 -10.98 -9.59
N SER A 232 -2.90 -10.54 -10.72
CA SER A 232 -2.84 -9.14 -11.15
C SER A 232 -4.05 -8.32 -10.76
N GLY A 233 -5.13 -8.99 -10.37
CA GLY A 233 -6.38 -8.30 -10.12
C GLY A 233 -7.00 -7.68 -11.37
N THR A 234 -6.71 -8.26 -12.53
CA THR A 234 -7.22 -7.75 -13.78
C THR A 234 -8.57 -8.37 -14.14
N LYS A 235 -8.87 -9.53 -13.56
CA LYS A 235 -10.14 -10.23 -13.79
C LYS A 235 -10.90 -10.42 -12.49
N PRO A 236 -12.25 -10.41 -12.56
CA PRO A 236 -13.08 -10.55 -11.38
C PRO A 236 -13.32 -12.01 -10.99
N VAL A 237 -12.24 -12.77 -10.90
CA VAL A 237 -12.29 -14.20 -10.62
C VAL A 237 -11.38 -14.49 -9.46
N CYS A 238 -11.85 -15.33 -8.56
CA CYS A 238 -10.99 -15.96 -7.58
C CYS A 238 -10.87 -17.39 -8.01
N THR A 239 -9.64 -17.86 -8.20
CA THR A 239 -9.44 -19.15 -8.85
C THR A 239 -9.92 -20.32 -8.00
N SER A 240 -10.04 -20.13 -6.69
CA SER A 240 -10.72 -21.09 -5.83
C SER A 240 -11.25 -20.37 -4.61
N ASP A 241 -12.02 -21.09 -3.81
CA ASP A 241 -12.56 -20.51 -2.58
C ASP A 241 -11.56 -20.48 -1.42
N SER A 242 -10.32 -20.92 -1.66
CA SER A 242 -9.28 -20.95 -0.63
C SER A 242 -7.95 -20.36 -1.06
N VAL A 243 -7.88 -19.83 -2.27
CA VAL A 243 -6.59 -19.44 -2.83
C VAL A 243 -5.94 -18.28 -2.11
N GLY A 244 -6.74 -17.36 -1.57
CA GLY A 244 -6.17 -16.22 -0.87
C GLY A 244 -5.32 -16.61 0.32
N GLN A 245 -5.90 -17.38 1.25
CA GLN A 245 -5.13 -17.82 2.41
C GLN A 245 -3.94 -18.67 1.98
N GLU A 246 -4.14 -19.52 0.96
CA GLU A 246 -3.04 -20.33 0.46
C GLU A 246 -1.83 -19.51 0.05
N LYS A 247 -2.08 -18.44 -0.68
CA LYS A 247 -1.01 -17.61 -1.21
C LYS A 247 -0.35 -16.73 -0.17
N LEU A 248 -0.99 -16.54 0.98
CA LEU A 248 -0.37 -15.80 2.09
C LEU A 248 0.55 -16.65 2.96
N GLN A 249 0.48 -17.97 2.87
CA GLN A 249 1.16 -18.83 3.84
C GLN A 249 2.68 -18.67 3.81
N GLY A 250 3.30 -18.70 2.64
CA GLY A 250 4.75 -18.65 2.57
C GLY A 250 5.34 -17.34 3.10
N PHE A 251 4.68 -16.24 2.75
CA PHE A 251 5.03 -14.92 3.26
C PHE A 251 4.84 -14.84 4.76
N THR A 252 3.72 -15.36 5.24
CA THR A 252 3.45 -15.37 6.68
C THR A 252 4.55 -16.13 7.42
N SER A 253 4.96 -17.28 6.89
CA SER A 253 6.01 -18.03 7.52
C SER A 253 7.33 -17.25 7.52
N TRP A 254 7.65 -16.60 6.40
CA TRP A 254 8.86 -15.80 6.31
C TRP A 254 8.88 -14.71 7.38
N LEU A 255 7.74 -14.04 7.58
CA LEU A 255 7.66 -13.03 8.63
C LEU A 255 8.00 -13.65 9.98
N ARG A 256 7.38 -14.79 10.28
CA ARG A 256 7.58 -15.44 11.56
C ARG A 256 9.04 -15.89 11.73
N GLU A 257 9.61 -16.47 10.68
CA GLU A 257 11.00 -16.94 10.70
C GLU A 257 11.99 -15.82 11.02
N ASN A 258 11.68 -14.63 10.52
CA ASN A 258 12.58 -13.48 10.61
C ASN A 258 12.18 -12.49 11.68
N LYS A 259 11.16 -12.83 12.47
CA LYS A 259 10.69 -11.99 13.57
C LYS A 259 10.28 -10.60 13.03
N GLN A 260 9.60 -10.60 11.88
CA GLN A 260 9.11 -9.38 11.23
C GLN A 260 7.59 -9.36 11.23
N LYS A 261 7.06 -8.20 10.81
CA LYS A 261 5.63 -7.97 10.68
C LYS A 261 5.32 -7.66 9.22
N GLY A 262 4.08 -7.95 8.83
CA GLY A 262 3.59 -7.75 7.47
C GLY A 262 2.35 -6.90 7.40
N PHE A 263 2.11 -6.38 6.21
CA PHE A 263 0.94 -5.54 5.97
C PHE A 263 0.44 -5.83 4.57
N LEU A 264 -0.86 -6.15 4.42
CA LEU A 264 -1.42 -6.47 3.12
C LEU A 264 -1.91 -5.17 2.52
N GLY A 265 -1.04 -4.50 1.77
CA GLY A 265 -1.33 -3.13 1.32
C GLY A 265 -2.38 -3.03 0.24
N GLU A 266 -2.56 -4.11 -0.53
CA GLU A 266 -3.65 -4.22 -1.47
C GLU A 266 -4.07 -5.68 -1.55
N PHE A 267 -5.38 -5.86 -1.68
CA PHE A 267 -6.00 -7.15 -1.99
C PHE A 267 -7.42 -6.79 -2.38
N ALA A 268 -8.08 -7.68 -3.11
CA ALA A 268 -9.46 -7.48 -3.52
C ALA A 268 -10.01 -8.79 -3.99
N THR A 269 -11.34 -8.88 -3.93
CA THR A 269 -12.12 -10.00 -4.44
C THR A 269 -13.38 -9.41 -5.05
N ALA A 270 -13.91 -10.10 -6.06
CA ALA A 270 -15.11 -9.64 -6.74
C ALA A 270 -16.36 -10.15 -6.04
N ASN A 271 -17.50 -9.62 -6.47
CA ASN A 271 -18.75 -9.93 -5.79
C ASN A 271 -19.44 -11.18 -6.32
N ASN A 272 -18.93 -12.33 -5.90
CA ASN A 272 -19.52 -13.62 -6.28
C ASN A 272 -19.23 -14.65 -5.18
N PRO A 273 -19.95 -15.76 -5.19
CA PRO A 273 -19.85 -16.67 -4.05
C PRO A 273 -18.45 -17.24 -3.78
N VAL A 274 -17.76 -17.66 -4.83
CA VAL A 274 -16.43 -18.24 -4.66
C VAL A 274 -15.49 -17.18 -4.08
N CYS A 275 -15.56 -15.96 -4.63
CA CYS A 275 -14.73 -14.87 -4.11
C CYS A 275 -15.07 -14.50 -2.66
N ASP A 276 -16.35 -14.47 -2.31
CA ASP A 276 -16.71 -14.13 -0.93
C ASP A 276 -16.13 -15.16 0.04
N LYS A 277 -16.20 -16.44 -0.32
N LYS A 277 -16.19 -16.43 -0.34
CA LYS A 277 -15.59 -17.48 0.52
CA LYS A 277 -15.63 -17.47 0.49
C LYS A 277 -14.07 -17.28 0.64
C LYS A 277 -14.10 -17.32 0.62
N ALA A 278 -13.44 -16.96 -0.48
CA ALA A 278 -12.00 -16.72 -0.45
C ALA A 278 -11.65 -15.53 0.41
N LEU A 279 -12.49 -14.49 0.34
CA LEU A 279 -12.28 -13.29 1.13
C LEU A 279 -12.39 -13.59 2.61
N GLU A 280 -13.48 -14.27 2.99
CA GLU A 280 -13.64 -14.68 4.38
C GLU A 280 -12.42 -15.48 4.84
N GLY A 281 -11.96 -16.39 3.98
CA GLY A 281 -10.84 -17.24 4.35
C GLY A 281 -9.55 -16.47 4.56
N MET A 282 -9.27 -15.50 3.71
CA MET A 282 -8.03 -14.75 3.84
C MET A 282 -8.09 -13.77 5.01
N LEU A 283 -9.25 -13.18 5.28
CA LEU A 283 -9.38 -12.31 6.44
C LEU A 283 -9.27 -13.10 7.74
N THR A 284 -9.89 -14.28 7.77
CA THR A 284 -9.79 -15.17 8.91
C THR A 284 -8.33 -15.62 9.12
N TYR A 285 -7.65 -15.92 8.01
CA TYR A 285 -6.26 -16.35 8.08
C TYR A 285 -5.36 -15.26 8.70
N MET A 286 -5.55 -14.02 8.27
CA MET A 286 -4.73 -12.94 8.83
C MET A 286 -5.00 -12.76 10.33
N GLU A 287 -6.28 -12.84 10.74
CA GLU A 287 -6.60 -12.74 12.17
C GLU A 287 -5.96 -13.85 12.97
N LYS A 288 -6.00 -15.07 12.43
CA LYS A 288 -5.41 -16.22 13.10
C LYS A 288 -3.90 -16.05 13.25
N ASN A 289 -3.31 -15.31 12.33
CA ASN A 289 -1.87 -15.07 12.27
C ASN A 289 -1.52 -13.61 12.58
N SER A 290 -2.26 -13.06 13.52
CA SER A 290 -2.10 -11.68 13.93
C SER A 290 -0.81 -11.44 14.70
N ASP A 291 -0.08 -12.49 15.08
CA ASP A 291 1.27 -12.31 15.63
C ASP A 291 2.22 -11.64 14.64
N VAL A 292 1.99 -11.86 13.34
CA VAL A 292 2.84 -11.26 12.31
C VAL A 292 2.11 -10.31 11.38
N TRP A 293 0.80 -10.48 11.18
CA TRP A 293 0.06 -9.52 10.35
C TRP A 293 -0.35 -8.31 11.15
N LEU A 294 0.16 -7.15 10.75
CA LEU A 294 -0.27 -5.88 11.35
C LEU A 294 -1.62 -5.42 10.84
N GLY A 295 -1.94 -5.77 9.60
CA GLY A 295 -3.21 -5.32 9.05
C GLY A 295 -3.23 -5.35 7.55
N TRP A 296 -4.24 -4.68 7.01
CA TRP A 296 -4.55 -4.73 5.61
C TRP A 296 -5.33 -3.51 5.19
N THR A 297 -5.22 -3.21 3.91
CA THR A 297 -6.04 -2.18 3.25
C THR A 297 -6.54 -2.72 1.92
N TRP A 298 -7.86 -2.79 1.81
CA TRP A 298 -8.55 -3.25 0.61
C TRP A 298 -8.35 -2.30 -0.56
N TRP A 299 -8.23 -2.85 -1.75
CA TRP A 299 -8.22 -2.08 -2.98
C TRP A 299 -9.58 -2.24 -3.66
N ALA A 300 -10.43 -1.21 -3.74
CA ALA A 300 -10.22 0.16 -3.31
C ALA A 300 -11.57 0.85 -3.15
N ALA A 301 -11.51 2.05 -2.58
CA ALA A 301 -12.60 2.99 -2.62
C ALA A 301 -12.09 4.28 -3.26
N GLY A 302 -12.82 5.36 -3.05
CA GLY A 302 -12.60 6.59 -3.80
C GLY A 302 -13.74 6.84 -4.76
N ALA A 303 -13.95 8.11 -5.08
CA ALA A 303 -15.14 8.56 -5.80
C ALA A 303 -15.07 8.42 -7.32
N TRP A 304 -13.94 8.01 -7.89
CA TRP A 304 -13.75 8.01 -9.33
C TRP A 304 -13.71 6.62 -10.00
N TRP A 305 -14.23 5.59 -9.33
CA TRP A 305 -14.40 4.29 -9.97
C TRP A 305 -15.67 4.24 -10.81
N LYS A 306 -15.61 3.61 -11.98
CA LYS A 306 -16.77 3.47 -12.87
C LYS A 306 -17.72 2.42 -12.32
N PRO A 307 -19.01 2.47 -12.73
CA PRO A 307 -20.04 1.56 -12.20
C PRO A 307 -19.66 0.07 -12.25
N ASP A 308 -18.93 -0.32 -13.29
CA ASP A 308 -18.60 -1.74 -13.48
C ASP A 308 -17.31 -2.18 -12.77
N TYR A 309 -16.66 -1.29 -12.03
CA TYR A 309 -15.41 -1.65 -11.38
C TYR A 309 -15.66 -2.73 -10.32
N PRO A 310 -15.01 -3.90 -10.48
CA PRO A 310 -15.45 -5.02 -9.64
C PRO A 310 -15.07 -4.96 -8.18
N PHE A 311 -14.12 -4.07 -7.84
CA PHE A 311 -13.53 -4.08 -6.51
C PHE A 311 -13.88 -2.86 -5.67
N THR A 312 -14.76 -1.99 -6.16
CA THR A 312 -15.08 -0.81 -5.40
C THR A 312 -15.83 -1.09 -4.12
N VAL A 313 -15.42 -0.45 -3.03
CA VAL A 313 -16.25 -0.38 -1.83
C VAL A 313 -16.62 1.06 -1.50
N GLN A 314 -16.50 1.97 -2.48
CA GLN A 314 -17.01 3.31 -2.31
C GLN A 314 -18.53 3.23 -2.22
N PRO A 315 -19.14 3.83 -1.17
CA PRO A 315 -20.59 3.75 -1.05
C PRO A 315 -21.24 4.42 -2.22
N GLY A 316 -22.43 3.94 -2.54
CA GLY A 316 -23.18 4.51 -3.64
C GLY A 316 -23.57 5.96 -3.40
N LYS A 317 -23.84 6.69 -4.47
CA LYS A 317 -24.53 7.97 -4.37
C LYS A 317 -25.84 7.86 -3.56
N ASP A 318 -26.48 6.70 -3.63
CA ASP A 318 -27.65 6.40 -2.80
C ASP A 318 -27.31 6.13 -1.32
N GLY A 319 -26.02 6.15 -0.97
CA GLY A 319 -25.57 5.93 0.39
C GLY A 319 -25.34 4.47 0.74
N SER A 320 -25.72 3.56 -0.16
CA SER A 320 -25.70 2.14 0.15
C SER A 320 -24.29 1.59 0.17
N ASP A 321 -24.11 0.57 1.00
CA ASP A 321 -22.85 -0.13 1.10
C ASP A 321 -22.65 -1.05 -0.11
N LYS A 322 -21.39 -1.17 -0.54
CA LYS A 322 -21.04 -2.12 -1.57
C LYS A 322 -21.01 -3.54 -0.99
N PRO A 323 -21.20 -4.55 -1.85
CA PRO A 323 -21.34 -5.93 -1.36
C PRO A 323 -20.20 -6.44 -0.51
N GLN A 324 -18.97 -6.15 -0.90
CA GLN A 324 -17.82 -6.70 -0.17
C GLN A 324 -17.67 -6.05 1.21
N MET A 325 -18.21 -4.86 1.37
CA MET A 325 -18.12 -4.18 2.64
C MET A 325 -18.80 -4.93 3.77
N ALA A 326 -19.85 -5.67 3.46
CA ALA A 326 -20.51 -6.44 4.51
C ALA A 326 -19.59 -7.50 5.10
N ILE A 327 -18.62 -7.97 4.33
CA ILE A 327 -17.62 -8.90 4.83
C ILE A 327 -16.48 -8.14 5.51
N LEU A 328 -15.94 -7.14 4.86
CA LEU A 328 -14.84 -6.38 5.44
C LEU A 328 -15.19 -5.83 6.82
N SER A 329 -16.40 -5.29 6.96
CA SER A 329 -16.81 -4.66 8.20
CA SER A 329 -16.74 -4.65 8.22
C SER A 329 -16.85 -5.66 9.37
N LYS A 330 -17.11 -6.94 9.08
CA LYS A 330 -17.09 -7.96 10.15
C LYS A 330 -15.73 -8.18 10.79
N TYR A 331 -14.67 -7.84 10.07
CA TYR A 331 -13.30 -7.96 10.54
C TYR A 331 -12.71 -6.61 10.97
N ALA A 332 -13.57 -5.59 11.12
CA ALA A 332 -13.16 -4.21 11.47
C ALA A 332 -13.87 -3.69 12.70
#